data_8QZU
#
_entry.id   8QZU
#
_cell.length_a   48.830
_cell.length_b   68.540
_cell.length_c   75.480
_cell.angle_alpha   90.00
_cell.angle_beta   98.11
_cell.angle_gamma   90.00
#
_symmetry.space_group_name_H-M   'C 1 2 1'
#
loop_
_entity.id
_entity.type
_entity.pdbx_description
1 polymer Carboxylesterase
2 non-polymer 'ACETATE ION'
3 water water
#
_entity_poly.entity_id   1
_entity_poly.type   'polypeptide(L)'
_entity_poly.pdbx_seq_one_letter_code
;GPGSMNKVKVGDAQVSYCIDGKGPGLVLVHGTGGDSETNWGHLMPALTNDWTVVRPDYSGSGITSDEGKQLEVKEIAAQV
VAAAEAARVVPFDLVGFALGSAVVIAIAADYPHLVRRIVLLGAFLSSRDIRQKTQFELWRDLIRTDRAALSRLILLTGFS
PDFISKQGHDGVSVIINSFVSEINWEGMARQVELDLSIDVSEAARRIEKPTLVIGCSHDHIVPSSQAKSVVRIIRGAQYT
ELHTGHLAHIENPEEFILLLRSFLLSEDVP
;
_entity_poly.pdbx_strand_id   A
#
loop_
_chem_comp.id
_chem_comp.type
_chem_comp.name
_chem_comp.formula
ACT non-polymer 'ACETATE ION' 'C2 H3 O2 -1'
#
# COMPACT_ATOMS: atom_id res chain seq x y z
N GLY A 3 -17.49 13.10 4.25
CA GLY A 3 -16.84 11.81 4.44
C GLY A 3 -17.20 11.24 5.81
N SER A 4 -16.78 9.99 6.08
CA SER A 4 -16.94 9.40 7.40
C SER A 4 -15.72 8.56 7.81
N MET A 5 -15.50 8.50 9.13
CA MET A 5 -14.61 7.56 9.80
C MET A 5 -15.51 6.51 10.42
N ASN A 6 -15.17 5.25 10.22
CA ASN A 6 -16.01 4.15 10.66
C ASN A 6 -15.17 3.05 11.25
N LYS A 7 -15.83 2.08 11.89
CA LYS A 7 -15.18 0.92 12.47
C LYS A 7 -16.00 -0.33 12.13
N VAL A 8 -15.28 -1.42 11.94
CA VAL A 8 -15.87 -2.75 11.79
C VAL A 8 -15.05 -3.77 12.59
N LYS A 9 -15.75 -4.61 13.40
CA LYS A 9 -15.02 -5.62 14.16
C LYS A 9 -14.67 -6.81 13.25
N VAL A 10 -13.39 -7.22 13.29
CA VAL A 10 -12.92 -8.34 12.49
C VAL A 10 -12.06 -9.20 13.42
N GLY A 11 -12.64 -10.29 13.95
CA GLY A 11 -12.01 -11.08 15.01
C GLY A 11 -11.63 -10.20 16.21
N ASP A 12 -10.36 -10.18 16.59
CA ASP A 12 -9.93 -9.34 17.74
C ASP A 12 -9.67 -7.88 17.35
N ALA A 13 -9.89 -7.51 16.08
CA ALA A 13 -9.50 -6.16 15.65
C ALA A 13 -10.73 -5.27 15.51
N GLN A 14 -10.53 -3.97 15.81
CA GLN A 14 -11.53 -2.93 15.51
C GLN A 14 -10.88 -2.19 14.32
N VAL A 15 -11.38 -2.45 13.13
CA VAL A 15 -10.77 -1.94 11.92
C VAL A 15 -11.35 -0.58 11.55
N SER A 16 -10.49 0.45 11.58
CA SER A 16 -10.86 1.80 11.19
C SER A 16 -10.82 1.93 9.68
N TYR A 17 -11.84 2.59 9.11
CA TYR A 17 -11.84 2.87 7.69
C TYR A 17 -12.58 4.15 7.39
N CYS A 18 -12.10 4.82 6.34
CA CYS A 18 -12.70 6.03 5.81
C CYS A 18 -13.60 5.70 4.62
N ILE A 19 -14.70 6.46 4.45
CA ILE A 19 -15.51 6.44 3.25
C ILE A 19 -15.65 7.88 2.76
N ASP A 20 -15.41 8.10 1.47
CA ASP A 20 -15.54 9.45 0.90
C ASP A 20 -15.96 9.30 -0.54
N GLY A 21 -16.79 10.20 -1.04
CA GLY A 21 -17.10 10.19 -2.44
C GLY A 21 -18.43 9.53 -2.77
N LYS A 22 -18.60 9.36 -4.08
CA LYS A 22 -19.86 8.82 -4.63
C LYS A 22 -19.48 8.14 -5.94
N GLY A 23 -20.19 7.08 -6.29
CA GLY A 23 -19.89 6.29 -7.46
C GLY A 23 -19.50 4.86 -7.11
N PRO A 24 -19.00 4.12 -8.11
CA PRO A 24 -18.54 2.76 -7.91
C PRO A 24 -17.35 2.69 -6.95
N GLY A 25 -17.16 1.50 -6.38
CA GLY A 25 -16.22 1.36 -5.27
C GLY A 25 -14.75 1.35 -5.71
N LEU A 26 -13.94 2.04 -4.90
CA LEU A 26 -12.49 2.04 -5.04
C LEU A 26 -11.91 1.85 -3.65
N VAL A 27 -11.21 0.74 -3.45
CA VAL A 27 -10.63 0.42 -2.15
C VAL A 27 -9.10 0.58 -2.25
N LEU A 28 -8.58 1.46 -1.38
CA LEU A 28 -7.15 1.82 -1.39
C LEU A 28 -6.48 1.17 -0.17
N VAL A 29 -5.42 0.39 -0.43
CA VAL A 29 -4.76 -0.39 0.59
C VAL A 29 -3.33 0.13 0.75
N HIS A 30 -3.04 0.61 1.95
CA HIS A 30 -1.73 1.18 2.27
C HIS A 30 -0.66 0.10 2.43
N GLY A 31 0.60 0.58 2.53
CA GLY A 31 1.75 -0.26 2.76
C GLY A 31 2.33 -0.10 4.15
N THR A 32 3.59 -0.55 4.27
CA THR A 32 4.25 -0.66 5.54
C THR A 32 4.47 0.70 6.17
N GLY A 33 3.99 0.89 7.40
CA GLY A 33 4.13 2.15 8.10
C GLY A 33 3.19 3.25 7.63
N GLY A 34 2.42 2.97 6.58
CA GLY A 34 1.50 3.94 6.03
C GLY A 34 0.13 3.84 6.65
N ASP A 35 -0.72 4.79 6.31
CA ASP A 35 -2.11 4.71 6.71
C ASP A 35 -2.95 5.43 5.67
N SER A 36 -4.25 5.41 5.90
CA SER A 36 -5.24 5.96 5.00
C SER A 36 -5.00 7.44 4.70
N GLU A 37 -4.54 8.18 5.70
CA GLU A 37 -4.30 9.60 5.53
C GLU A 37 -2.97 9.86 4.82
N THR A 38 -1.86 9.28 5.32
CA THR A 38 -0.56 9.62 4.81
C THR A 38 -0.41 9.11 3.39
N ASN A 39 -1.08 8.01 3.03
CA ASN A 39 -0.84 7.46 1.69
C ASN A 39 -1.80 8.05 0.67
N TRP A 40 -3.02 8.44 1.09
CA TRP A 40 -4.04 8.76 0.11
C TRP A 40 -4.72 10.11 0.32
N GLY A 41 -4.56 10.72 1.48
CA GLY A 41 -5.38 11.88 1.81
C GLY A 41 -5.27 13.00 0.78
N HIS A 42 -4.05 13.24 0.29
CA HIS A 42 -3.79 14.32 -0.66
C HIS A 42 -4.40 14.04 -2.05
N LEU A 43 -4.69 12.77 -2.36
CA LEU A 43 -5.29 12.39 -3.64
C LEU A 43 -6.80 12.57 -3.65
N MET A 44 -7.44 12.63 -2.46
CA MET A 44 -8.87 12.48 -2.38
C MET A 44 -9.66 13.44 -3.26
N PRO A 45 -9.31 14.73 -3.37
CA PRO A 45 -10.11 15.63 -4.20
C PRO A 45 -10.20 15.23 -5.66
N ALA A 46 -9.22 14.46 -6.11
CA ALA A 46 -9.15 14.04 -7.48
C ALA A 46 -9.79 12.69 -7.74
N LEU A 47 -10.27 12.02 -6.69
CA LEU A 47 -10.92 10.71 -6.80
C LEU A 47 -12.42 10.73 -6.46
N THR A 48 -12.85 11.59 -5.53
CA THR A 48 -14.16 11.39 -4.91
C THR A 48 -15.33 11.83 -5.76
N ASN A 49 -15.11 12.44 -6.91
CA ASN A 49 -16.20 12.70 -7.84
C ASN A 49 -16.45 11.52 -8.78
N ASP A 50 -15.56 10.52 -8.83
CA ASP A 50 -15.68 9.39 -9.74
C ASP A 50 -15.91 8.06 -9.00
N TRP A 51 -15.51 7.97 -7.74
CA TRP A 51 -15.63 6.72 -6.98
C TRP A 51 -16.07 7.02 -5.57
N THR A 52 -16.75 6.01 -4.99
CA THR A 52 -16.85 5.92 -3.54
C THR A 52 -15.56 5.27 -3.05
N VAL A 53 -14.69 6.08 -2.41
CA VAL A 53 -13.37 5.64 -2.00
C VAL A 53 -13.38 5.15 -0.57
N VAL A 54 -12.89 3.93 -0.41
CA VAL A 54 -12.84 3.30 0.91
C VAL A 54 -11.37 3.09 1.26
N ARG A 55 -10.98 3.57 2.43
CA ARG A 55 -9.57 3.53 2.88
C ARG A 55 -9.51 2.84 4.24
N PRO A 56 -9.28 1.53 4.26
CA PRO A 56 -9.08 0.88 5.52
C PRO A 56 -7.64 0.96 6.07
N ASP A 57 -7.55 1.06 7.36
CA ASP A 57 -6.27 0.90 8.06
C ASP A 57 -6.18 -0.50 8.65
N TYR A 58 -5.29 -1.32 8.13
CA TYR A 58 -5.16 -2.68 8.67
C TYR A 58 -4.25 -2.65 9.90
N SER A 59 -4.17 -3.81 10.57
CA SER A 59 -3.44 -3.90 11.82
C SER A 59 -2.07 -3.24 11.74
N GLY A 60 -1.78 -2.43 12.75
CA GLY A 60 -0.54 -1.71 12.87
C GLY A 60 -0.57 -0.26 12.37
N SER A 61 -1.66 0.16 11.72
CA SER A 61 -1.76 1.48 11.15
C SER A 61 -3.02 2.20 11.64
N GLY A 62 -2.90 3.53 11.67
CA GLY A 62 -4.04 4.39 11.96
C GLY A 62 -4.55 4.17 13.38
N ILE A 63 -5.87 4.25 13.58
CA ILE A 63 -6.38 4.05 14.92
C ILE A 63 -6.96 2.64 15.04
N THR A 64 -6.71 1.80 14.04
CA THR A 64 -7.08 0.40 14.11
C THR A 64 -6.45 -0.24 15.33
N SER A 65 -7.27 -0.98 16.08
CA SER A 65 -6.83 -1.56 17.35
C SER A 65 -6.95 -3.08 17.25
N ASP A 66 -6.09 -3.80 17.96
CA ASP A 66 -6.17 -5.25 17.98
C ASP A 66 -5.45 -5.78 19.21
N GLU A 67 -5.20 -7.08 19.26
CA GLU A 67 -4.52 -7.66 20.45
C GLU A 67 -3.02 -7.88 20.22
N GLY A 68 -2.46 -7.32 19.15
CA GLY A 68 -0.99 -7.34 19.01
C GLY A 68 -0.38 -8.60 18.41
N LYS A 69 -1.18 -9.51 17.88
CA LYS A 69 -0.65 -10.75 17.32
C LYS A 69 0.20 -10.48 16.08
N GLN A 70 1.12 -11.39 15.78
CA GLN A 70 1.87 -11.33 14.53
C GLN A 70 0.90 -11.42 13.36
N LEU A 71 1.19 -10.70 12.30
CA LEU A 71 0.28 -10.54 11.19
C LEU A 71 0.30 -11.75 10.24
N GLU A 72 -0.86 -11.97 9.64
CA GLU A 72 -1.03 -13.01 8.65
C GLU A 72 -1.79 -12.43 7.45
N VAL A 73 -1.30 -12.69 6.23
CA VAL A 73 -1.87 -11.99 5.08
C VAL A 73 -3.36 -12.28 4.95
N LYS A 74 -3.81 -13.50 5.22
CA LYS A 74 -5.25 -13.77 5.08
C LYS A 74 -6.09 -12.96 6.06
N GLU A 75 -5.60 -12.75 7.26
CA GLU A 75 -6.30 -11.98 8.26
C GLU A 75 -6.37 -10.52 7.82
N ILE A 76 -5.26 -9.99 7.29
CA ILE A 76 -5.19 -8.61 6.81
C ILE A 76 -6.15 -8.39 5.63
N ALA A 77 -6.15 -9.37 4.70
CA ALA A 77 -7.07 -9.35 3.59
C ALA A 77 -8.51 -9.31 4.11
N ALA A 78 -8.80 -10.10 5.17
CA ALA A 78 -10.16 -10.11 5.70
C ALA A 78 -10.57 -8.78 6.31
N GLN A 79 -9.61 -8.07 6.93
CA GLN A 79 -9.88 -6.75 7.47
C GLN A 79 -10.31 -5.79 6.35
N VAL A 80 -9.53 -5.77 5.24
CA VAL A 80 -9.86 -4.89 4.14
C VAL A 80 -11.24 -5.23 3.57
N VAL A 81 -11.47 -6.51 3.38
CA VAL A 81 -12.75 -6.94 2.83
C VAL A 81 -13.94 -6.57 3.73
N ALA A 82 -13.76 -6.69 5.04
CA ALA A 82 -14.85 -6.35 5.96
C ALA A 82 -15.18 -4.87 5.87
N ALA A 83 -14.15 -4.04 5.70
CA ALA A 83 -14.38 -2.60 5.58
C ALA A 83 -15.12 -2.31 4.28
N ALA A 84 -14.71 -2.95 3.16
CA ALA A 84 -15.34 -2.70 1.87
C ALA A 84 -16.80 -3.13 1.90
N GLU A 85 -17.06 -4.30 2.52
CA GLU A 85 -18.45 -4.82 2.60
C GLU A 85 -19.30 -3.94 3.49
N ALA A 86 -18.75 -3.47 4.62
CA ALA A 86 -19.46 -2.56 5.50
C ALA A 86 -19.80 -1.25 4.79
N ALA A 87 -18.87 -0.80 3.93
CA ALA A 87 -19.08 0.42 3.13
C ALA A 87 -20.05 0.25 1.97
N ARG A 88 -20.45 -1.00 1.69
CA ARG A 88 -21.39 -1.32 0.64
C ARG A 88 -20.90 -0.93 -0.75
N VAL A 89 -19.62 -1.22 -1.02
CA VAL A 89 -19.07 -0.85 -2.31
C VAL A 89 -18.75 -2.02 -3.23
N VAL A 90 -19.43 -3.15 -3.01
CA VAL A 90 -19.21 -4.31 -3.85
C VAL A 90 -19.99 -4.14 -5.15
N PRO A 91 -19.44 -4.49 -6.33
CA PRO A 91 -18.03 -4.86 -6.52
C PRO A 91 -17.10 -3.66 -6.61
N PHE A 92 -15.84 -3.80 -6.19
CA PHE A 92 -14.93 -2.67 -6.11
C PHE A 92 -13.67 -2.96 -6.91
N ASP A 93 -13.02 -1.86 -7.32
CA ASP A 93 -11.63 -1.92 -7.77
C ASP A 93 -10.75 -1.81 -6.53
N LEU A 94 -9.56 -2.42 -6.65
CA LEU A 94 -8.60 -2.42 -5.54
C LEU A 94 -7.31 -1.77 -6.01
N VAL A 95 -6.73 -0.94 -5.14
CA VAL A 95 -5.41 -0.37 -5.40
C VAL A 95 -4.55 -0.64 -4.19
N GLY A 96 -3.40 -1.31 -4.39
CA GLY A 96 -2.51 -1.61 -3.29
C GLY A 96 -1.14 -0.97 -3.48
N PHE A 97 -0.56 -0.53 -2.38
CA PHE A 97 0.82 0.01 -2.39
C PHE A 97 1.71 -0.93 -1.61
N ALA A 98 2.70 -1.54 -2.29
CA ALA A 98 3.83 -2.26 -1.66
C ALA A 98 3.34 -3.46 -0.81
N LEU A 99 3.48 -3.49 0.51
CA LEU A 99 2.85 -4.56 1.29
C LEU A 99 1.36 -4.61 0.95
N GLY A 100 0.70 -3.50 0.78
CA GLY A 100 -0.70 -3.48 0.39
C GLY A 100 -0.94 -4.05 -0.97
N SER A 101 0.01 -4.10 -1.89
N SER A 101 0.01 -4.06 -1.90
CA SER A 101 -0.16 -4.81 -3.14
CA SER A 101 -0.18 -4.80 -3.13
C SER A 101 -0.19 -6.30 -2.88
C SER A 101 -0.23 -6.30 -2.86
N ALA A 102 0.56 -6.81 -1.92
CA ALA A 102 0.51 -8.25 -1.65
C ALA A 102 -0.83 -8.60 -0.98
N VAL A 103 -1.33 -7.73 -0.15
CA VAL A 103 -2.66 -7.91 0.43
C VAL A 103 -3.67 -7.90 -0.70
N VAL A 104 -3.65 -6.99 -1.63
CA VAL A 104 -4.60 -6.92 -2.75
C VAL A 104 -4.48 -8.17 -3.60
N ILE A 105 -3.36 -8.79 -3.82
CA ILE A 105 -3.21 -10.03 -4.55
C ILE A 105 -3.98 -11.10 -3.77
N ALA A 106 -3.79 -11.20 -2.47
CA ALA A 106 -4.57 -12.17 -1.64
C ALA A 106 -6.09 -11.91 -1.79
N ILE A 107 -6.56 -10.70 -1.70
CA ILE A 107 -8.01 -10.40 -1.79
C ILE A 107 -8.52 -10.77 -3.18
N ALA A 108 -7.85 -10.43 -4.27
CA ALA A 108 -8.31 -10.66 -5.62
C ALA A 108 -8.37 -12.15 -5.88
N ALA A 109 -7.45 -12.91 -5.32
CA ALA A 109 -7.41 -14.37 -5.48
C ALA A 109 -8.54 -15.02 -4.69
N ASP A 110 -8.75 -14.65 -3.44
CA ASP A 110 -9.60 -15.41 -2.51
C ASP A 110 -11.00 -14.83 -2.44
N TYR A 111 -11.27 -13.64 -2.94
CA TYR A 111 -12.61 -13.01 -2.95
C TYR A 111 -12.93 -12.50 -4.34
N PRO A 112 -12.84 -13.36 -5.37
CA PRO A 112 -13.00 -12.88 -6.73
C PRO A 112 -14.34 -12.24 -7.04
N HIS A 113 -15.40 -12.70 -6.37
CA HIS A 113 -16.71 -12.14 -6.58
C HIS A 113 -16.89 -10.71 -6.11
N LEU A 114 -15.95 -10.21 -5.30
CA LEU A 114 -16.02 -8.84 -4.79
C LEU A 114 -15.22 -7.83 -5.64
N VAL A 115 -14.39 -8.32 -6.53
CA VAL A 115 -13.33 -7.47 -7.09
C VAL A 115 -13.51 -7.38 -8.58
N ARG A 116 -13.35 -6.16 -9.11
CA ARG A 116 -13.51 -5.95 -10.56
C ARG A 116 -12.12 -5.89 -11.22
N ARG A 117 -11.37 -4.78 -10.96
CA ARG A 117 -9.98 -4.60 -11.48
C ARG A 117 -9.03 -4.26 -10.34
N ILE A 118 -7.75 -4.58 -10.57
CA ILE A 118 -6.75 -4.26 -9.54
C ILE A 118 -5.57 -3.48 -10.11
N VAL A 119 -5.01 -2.64 -9.23
CA VAL A 119 -3.80 -1.86 -9.51
C VAL A 119 -2.84 -2.10 -8.36
N LEU A 120 -1.59 -2.43 -8.75
CA LEU A 120 -0.59 -2.81 -7.78
C LEU A 120 0.64 -1.90 -7.96
N LEU A 121 0.87 -0.99 -7.01
CA LEU A 121 1.99 -0.01 -7.08
C LEU A 121 3.10 -0.50 -6.20
N GLY A 122 4.33 -0.46 -6.76
CA GLY A 122 5.48 -0.81 -5.96
C GLY A 122 5.43 -2.23 -5.44
N ALA A 123 4.98 -3.15 -6.32
CA ALA A 123 4.52 -4.47 -5.93
C ALA A 123 5.63 -5.50 -5.81
N PHE A 124 5.37 -6.52 -4.96
CA PHE A 124 6.22 -7.67 -4.78
C PHE A 124 5.35 -8.91 -4.40
N LEU A 125 5.95 -10.06 -4.63
CA LEU A 125 5.31 -11.32 -4.21
C LEU A 125 5.83 -11.76 -2.87
N SER A 126 7.11 -11.51 -2.60
CA SER A 126 7.74 -11.95 -1.35
C SER A 126 9.00 -11.11 -1.12
N SER A 127 9.63 -11.32 0.00
CA SER A 127 10.93 -10.72 0.25
C SER A 127 11.99 -11.80 0.32
N ARG A 128 11.84 -12.85 -0.50
CA ARG A 128 12.82 -13.96 -0.51
C ARG A 128 14.17 -13.49 -1.08
N ASP A 129 14.07 -12.61 -2.05
CA ASP A 129 15.33 -12.07 -2.60
C ASP A 129 16.24 -11.53 -1.48
N ILE A 130 17.54 -11.83 -1.60
CA ILE A 130 18.53 -11.40 -0.61
C ILE A 130 18.54 -9.91 -0.37
N ARG A 131 18.32 -9.10 -1.40
CA ARG A 131 18.31 -7.66 -1.19
C ARG A 131 17.19 -7.23 -0.26
N GLN A 132 16.02 -7.85 -0.50
CA GLN A 132 14.81 -7.47 0.29
C GLN A 132 14.89 -8.04 1.72
N LYS A 133 15.36 -9.27 1.85
CA LYS A 133 15.52 -9.85 3.17
C LYS A 133 16.49 -8.97 3.98
N THR A 134 17.64 -8.57 3.36
CA THR A 134 18.62 -7.74 4.03
C THR A 134 18.00 -6.41 4.45
N GLN A 135 17.31 -5.79 3.51
CA GLN A 135 16.69 -4.52 3.76
C GLN A 135 15.67 -4.54 4.90
N PHE A 136 14.71 -5.49 4.85
CA PHE A 136 13.67 -5.47 5.88
C PHE A 136 14.20 -5.95 7.22
N GLU A 137 15.23 -6.79 7.25
CA GLU A 137 15.88 -7.08 8.52
C GLU A 137 16.54 -5.84 9.10
N LEU A 138 17.12 -4.98 8.23
CA LEU A 138 17.67 -3.69 8.68
C LEU A 138 16.55 -2.78 9.22
N TRP A 139 15.39 -2.74 8.53
CA TRP A 139 14.30 -1.95 9.02
C TRP A 139 13.86 -2.45 10.40
N ARG A 140 13.69 -3.78 10.54
CA ARG A 140 13.34 -4.36 11.83
C ARG A 140 14.29 -3.84 12.91
N ASP A 141 15.60 -3.91 12.63
CA ASP A 141 16.59 -3.60 13.65
C ASP A 141 16.53 -2.14 14.02
N LEU A 142 16.39 -1.26 13.03
CA LEU A 142 16.35 0.16 13.32
C LEU A 142 15.05 0.61 14.02
N ILE A 143 13.90 -0.04 13.73
CA ILE A 143 12.73 0.31 14.52
C ILE A 143 12.99 0.03 16.00
N ARG A 144 13.72 -1.06 16.27
CA ARG A 144 14.00 -1.39 17.66
C ARG A 144 15.02 -0.44 18.28
N THR A 145 16.07 0.00 17.53
CA THR A 145 17.20 0.69 18.12
C THR A 145 17.39 2.16 17.73
N ASP A 146 16.87 2.61 16.58
CA ASP A 146 17.19 3.93 16.07
C ASP A 146 16.18 4.40 15.02
N ARG A 147 15.02 4.89 15.48
CA ARG A 147 13.96 5.30 14.57
C ARG A 147 14.29 6.57 13.83
N ALA A 148 15.14 7.43 14.38
CA ALA A 148 15.58 8.61 13.66
C ALA A 148 16.42 8.19 12.45
N ALA A 149 17.27 7.18 12.63
CA ALA A 149 18.06 6.66 11.53
C ALA A 149 17.16 6.03 10.47
N LEU A 150 16.16 5.23 10.92
CA LEU A 150 15.29 4.62 9.93
C LEU A 150 14.48 5.65 9.16
N SER A 151 14.04 6.71 9.83
CA SER A 151 13.26 7.74 9.17
C SER A 151 14.09 8.37 8.04
N ARG A 152 15.40 8.60 8.28
CA ARG A 152 16.27 9.13 7.25
C ARG A 152 16.58 8.10 6.17
N LEU A 153 16.69 6.82 6.55
CA LEU A 153 16.87 5.75 5.57
C LEU A 153 15.68 5.69 4.61
N ILE A 154 14.47 5.79 5.15
CA ILE A 154 13.29 5.71 4.31
C ILE A 154 13.20 6.93 3.38
N LEU A 155 13.55 8.13 3.88
CA LEU A 155 13.62 9.29 3.01
C LEU A 155 14.56 8.98 1.85
N LEU A 156 15.79 8.52 2.15
CA LEU A 156 16.81 8.35 1.15
C LEU A 156 16.61 7.23 0.16
N THR A 157 15.86 6.19 0.58
CA THR A 157 15.58 5.02 -0.25
C THR A 157 14.15 5.02 -0.79
N GLY A 158 13.32 5.94 -0.33
CA GLY A 158 11.92 5.90 -0.70
C GLY A 158 11.44 6.99 -1.64
N PHE A 159 12.25 8.08 -1.75
CA PHE A 159 11.95 9.15 -2.69
C PHE A 159 13.12 9.29 -3.68
N SER A 160 12.81 9.63 -4.92
CA SER A 160 13.90 9.92 -5.88
C SER A 160 14.80 11.06 -5.39
N PRO A 161 16.12 10.95 -5.68
CA PRO A 161 17.03 12.02 -5.25
C PRO A 161 16.53 13.41 -5.64
N ASP A 162 16.10 13.55 -6.87
CA ASP A 162 15.71 14.90 -7.36
C ASP A 162 14.48 15.42 -6.61
N PHE A 163 13.57 14.51 -6.23
CA PHE A 163 12.45 14.97 -5.44
C PHE A 163 12.89 15.48 -4.07
N ILE A 164 13.81 14.77 -3.42
CA ILE A 164 14.29 15.24 -2.11
C ILE A 164 14.93 16.62 -2.22
N SER A 165 15.76 16.79 -3.25
CA SER A 165 16.42 18.06 -3.43
C SER A 165 15.41 19.21 -3.55
N LYS A 166 14.31 18.95 -4.28
CA LYS A 166 13.29 19.97 -4.54
C LYS A 166 12.58 20.38 -3.25
N GLN A 167 12.56 19.51 -2.23
CA GLN A 167 11.87 19.85 -0.99
C GLN A 167 12.67 20.86 -0.18
N GLY A 168 14.02 20.92 -0.34
CA GLY A 168 14.83 21.84 0.45
C GLY A 168 15.01 21.38 1.91
N HIS A 169 15.73 22.20 2.68
N HIS A 169 15.71 22.22 2.68
CA HIS A 169 15.94 21.92 4.11
CA HIS A 169 15.92 21.90 4.11
C HIS A 169 14.60 21.85 4.86
C HIS A 169 14.58 21.83 4.84
N ASP A 170 13.75 22.87 4.71
CA ASP A 170 12.52 22.91 5.49
C ASP A 170 11.65 21.70 5.12
N GLY A 171 11.53 21.39 3.83
CA GLY A 171 10.65 20.32 3.39
C GLY A 171 11.12 18.93 3.88
N VAL A 172 12.43 18.69 3.83
CA VAL A 172 12.94 17.43 4.30
C VAL A 172 12.75 17.31 5.81
N SER A 173 12.96 18.40 6.55
CA SER A 173 12.75 18.37 7.98
C SER A 173 11.30 17.97 8.33
N VAL A 174 10.32 18.49 7.59
CA VAL A 174 8.93 18.12 7.81
C VAL A 174 8.75 16.62 7.56
N ILE A 175 9.28 16.09 6.44
CA ILE A 175 9.09 14.69 6.10
C ILE A 175 9.69 13.83 7.22
N ILE A 176 10.93 14.14 7.60
CA ILE A 176 11.59 13.34 8.62
C ILE A 176 10.80 13.40 9.93
N ASN A 177 10.40 14.60 10.33
CA ASN A 177 9.75 14.80 11.61
C ASN A 177 8.39 14.10 11.59
N SER A 178 7.70 14.13 10.43
CA SER A 178 6.43 13.43 10.30
C SER A 178 6.59 11.91 10.42
N PHE A 179 7.65 11.31 9.85
CA PHE A 179 7.91 9.90 10.04
C PHE A 179 8.12 9.61 11.53
N VAL A 180 8.99 10.39 12.19
CA VAL A 180 9.34 10.11 13.56
C VAL A 180 8.13 10.25 14.48
N SER A 181 7.32 11.30 14.28
CA SER A 181 6.24 11.64 15.19
C SER A 181 4.89 11.00 14.84
N GLU A 182 4.65 10.56 13.60
CA GLU A 182 3.33 10.11 13.19
C GLU A 182 3.30 8.61 12.89
N ILE A 183 4.42 7.95 12.61
CA ILE A 183 4.38 6.52 12.36
C ILE A 183 4.02 5.78 13.65
N ASN A 184 3.14 4.78 13.54
CA ASN A 184 2.92 3.85 14.64
C ASN A 184 4.04 2.80 14.61
N TRP A 185 5.10 3.05 15.39
CA TRP A 185 6.31 2.25 15.24
C TRP A 185 6.14 0.79 15.60
N GLU A 186 5.39 0.53 16.68
CA GLU A 186 5.13 -0.89 17.06
C GLU A 186 4.31 -1.59 15.96
N GLY A 187 3.38 -0.85 15.39
CA GLY A 187 2.61 -1.41 14.31
C GLY A 187 3.46 -1.66 13.08
N MET A 188 4.34 -0.69 12.78
CA MET A 188 5.23 -0.82 11.62
C MET A 188 6.16 -2.02 11.80
N ALA A 189 6.61 -2.25 13.04
CA ALA A 189 7.41 -3.43 13.31
C ALA A 189 6.69 -4.72 12.92
N ARG A 190 5.39 -4.81 13.27
CA ARG A 190 4.59 -6.04 12.91
C ARG A 190 4.48 -6.18 11.39
N GLN A 191 4.44 -5.04 10.70
CA GLN A 191 4.21 -5.03 9.27
C GLN A 191 5.47 -5.46 8.50
N VAL A 192 6.63 -5.02 9.08
CA VAL A 192 7.96 -5.41 8.53
C VAL A 192 8.16 -6.92 8.67
N GLU A 193 7.72 -7.47 9.82
CA GLU A 193 7.81 -8.94 9.98
C GLU A 193 6.98 -9.62 8.88
N LEU A 194 5.81 -9.04 8.54
CA LEU A 194 5.00 -9.64 7.48
C LEU A 194 5.72 -9.46 6.13
N ASP A 195 6.33 -8.28 5.89
CA ASP A 195 7.16 -8.08 4.70
C ASP A 195 8.17 -9.20 4.53
N LEU A 196 8.81 -9.60 5.64
CA LEU A 196 9.86 -10.60 5.57
C LEU A 196 9.33 -12.00 5.29
N SER A 197 8.12 -12.38 5.81
CA SER A 197 7.64 -13.75 5.74
C SER A 197 6.64 -13.92 4.61
N ILE A 198 5.97 -12.88 4.14
CA ILE A 198 4.87 -13.05 3.18
C ILE A 198 5.36 -13.66 1.88
N ASP A 199 4.46 -14.46 1.26
CA ASP A 199 4.69 -14.94 -0.08
C ASP A 199 3.34 -15.18 -0.73
N VAL A 200 2.92 -14.33 -1.64
CA VAL A 200 1.60 -14.43 -2.26
C VAL A 200 1.73 -14.92 -3.69
N SER A 201 2.81 -15.65 -3.99
CA SER A 201 3.01 -16.21 -5.32
C SER A 201 1.85 -17.14 -5.72
N GLU A 202 1.45 -18.01 -4.79
CA GLU A 202 0.43 -19.00 -5.16
C GLU A 202 -0.90 -18.27 -5.39
N ALA A 203 -1.20 -17.25 -4.58
CA ALA A 203 -2.39 -16.44 -4.78
C ALA A 203 -2.36 -15.76 -6.16
N ALA A 204 -1.21 -15.16 -6.47
CA ALA A 204 -1.05 -14.45 -7.74
C ALA A 204 -1.38 -15.36 -8.93
N ARG A 205 -0.92 -16.58 -8.85
CA ARG A 205 -1.24 -17.57 -9.94
C ARG A 205 -2.77 -17.85 -10.02
N ARG A 206 -3.55 -17.51 -9.00
CA ARG A 206 -5.02 -17.80 -9.00
C ARG A 206 -5.81 -16.58 -9.44
N ILE A 207 -5.14 -15.43 -9.67
CA ILE A 207 -5.90 -14.22 -10.01
C ILE A 207 -6.46 -14.29 -11.43
N GLU A 208 -7.73 -13.92 -11.56
CA GLU A 208 -8.43 -13.90 -12.85
C GLU A 208 -9.11 -12.54 -13.03
N LYS A 209 -8.33 -11.48 -12.95
CA LYS A 209 -8.83 -10.12 -13.01
C LYS A 209 -7.89 -9.24 -13.83
N PRO A 210 -8.44 -8.19 -14.51
CA PRO A 210 -7.57 -7.19 -15.11
C PRO A 210 -6.68 -6.59 -14.03
N THR A 211 -5.37 -6.58 -14.31
CA THR A 211 -4.36 -6.15 -13.36
C THR A 211 -3.37 -5.21 -14.02
N LEU A 212 -3.11 -4.05 -13.37
CA LEU A 212 -2.07 -3.11 -13.76
C LEU A 212 -1.02 -3.14 -12.66
N VAL A 213 0.24 -3.37 -13.04
CA VAL A 213 1.33 -3.33 -12.12
C VAL A 213 2.15 -2.10 -12.47
N ILE A 214 2.38 -1.24 -11.48
CA ILE A 214 3.12 0.01 -11.66
C ILE A 214 4.46 -0.13 -10.95
N GLY A 215 5.52 -0.21 -11.75
CA GLY A 215 6.87 -0.17 -11.18
C GLY A 215 7.41 1.26 -11.12
N CYS A 216 8.37 1.48 -10.23
CA CYS A 216 8.95 2.79 -10.02
C CYS A 216 10.45 2.78 -10.40
N SER A 217 10.82 3.58 -11.41
CA SER A 217 12.20 3.53 -12.02
C SER A 217 13.34 3.69 -11.00
N HIS A 218 13.12 4.47 -9.97
CA HIS A 218 14.19 4.75 -9.02
C HIS A 218 14.03 3.97 -7.74
N ASP A 219 13.08 2.98 -7.72
CA ASP A 219 12.68 2.36 -6.45
C ASP A 219 13.82 1.61 -5.74
N HIS A 220 14.15 2.10 -4.54
CA HIS A 220 15.25 1.50 -3.71
C HIS A 220 14.66 0.87 -2.43
N ILE A 221 13.33 0.66 -2.41
CA ILE A 221 12.65 -0.15 -1.33
C ILE A 221 12.05 -1.43 -1.89
N VAL A 222 11.37 -1.31 -3.01
CA VAL A 222 10.86 -2.49 -3.71
C VAL A 222 11.26 -2.32 -5.17
N PRO A 223 12.48 -2.76 -5.53
CA PRO A 223 12.97 -2.55 -6.87
C PRO A 223 12.01 -3.03 -7.94
N SER A 224 11.97 -2.41 -9.09
CA SER A 224 10.99 -2.68 -10.12
C SER A 224 11.11 -4.10 -10.66
N SER A 225 12.24 -4.81 -10.49
CA SER A 225 12.32 -6.22 -10.84
C SER A 225 11.29 -7.06 -10.07
N GLN A 226 10.96 -6.63 -8.85
CA GLN A 226 9.93 -7.31 -8.06
C GLN A 226 8.59 -7.14 -8.75
N ALA A 227 8.26 -5.94 -9.20
CA ALA A 227 6.99 -5.68 -9.88
C ALA A 227 6.92 -6.48 -11.16
N LYS A 228 8.05 -6.57 -11.88
CA LYS A 228 8.02 -7.35 -13.11
C LYS A 228 7.80 -8.83 -12.82
N SER A 229 8.30 -9.33 -11.70
CA SER A 229 8.00 -10.69 -11.30
C SER A 229 6.52 -10.92 -11.00
N VAL A 230 5.84 -9.90 -10.49
CA VAL A 230 4.41 -9.99 -10.25
C VAL A 230 3.67 -10.11 -11.59
N VAL A 231 4.11 -9.28 -12.54
CA VAL A 231 3.48 -9.28 -13.85
C VAL A 231 3.61 -10.64 -14.52
N ARG A 232 4.75 -11.30 -14.38
CA ARG A 232 4.95 -12.59 -15.10
C ARG A 232 4.05 -13.70 -14.55
N ILE A 233 3.63 -13.60 -13.29
CA ILE A 233 2.90 -14.67 -12.65
C ILE A 233 1.39 -14.40 -12.73
N ILE A 234 0.94 -13.14 -12.87
CA ILE A 234 -0.48 -12.86 -12.96
C ILE A 234 -0.88 -12.88 -14.42
N ARG A 235 -1.78 -13.82 -14.77
CA ARG A 235 -2.15 -13.98 -16.16
C ARG A 235 -2.76 -12.70 -16.72
N GLY A 236 -2.21 -12.19 -17.85
CA GLY A 236 -2.74 -11.03 -18.54
C GLY A 236 -2.41 -9.67 -17.92
N ALA A 237 -1.61 -9.67 -16.84
CA ALA A 237 -1.26 -8.44 -16.16
C ALA A 237 -0.47 -7.51 -17.09
N GLN A 238 -0.73 -6.21 -16.97
CA GLN A 238 -0.03 -5.18 -17.73
C GLN A 238 1.00 -4.49 -16.82
N TYR A 239 2.10 -4.04 -17.40
CA TYR A 239 3.13 -3.32 -16.67
C TYR A 239 3.26 -1.89 -17.18
N THR A 240 3.45 -0.96 -16.26
CA THR A 240 3.78 0.41 -16.60
C THR A 240 4.73 0.95 -15.53
N GLU A 241 5.45 2.03 -15.84
CA GLU A 241 6.48 2.52 -14.93
C GLU A 241 6.27 4.01 -14.70
N LEU A 242 6.41 4.44 -13.44
CA LEU A 242 6.52 5.83 -13.07
C LEU A 242 7.98 6.16 -12.76
N HIS A 243 8.41 7.36 -13.20
CA HIS A 243 9.83 7.80 -13.00
C HIS A 243 9.93 8.46 -11.64
N THR A 244 9.85 7.67 -10.58
CA THR A 244 9.81 8.15 -9.22
C THR A 244 10.55 7.14 -8.37
N GLY A 245 10.78 7.51 -7.13
CA GLY A 245 11.16 6.50 -6.15
C GLY A 245 9.92 5.68 -5.72
N HIS A 246 10.12 4.98 -4.65
CA HIS A 246 9.09 4.04 -4.18
C HIS A 246 7.80 4.80 -3.94
N LEU A 247 7.79 5.91 -3.26
CA LEU A 247 6.62 6.63 -2.84
C LEU A 247 6.04 7.46 -3.97
N ALA A 248 5.67 6.74 -5.03
CA ALA A 248 5.27 7.35 -6.29
C ALA A 248 4.06 8.25 -6.11
N HIS A 249 3.09 7.72 -5.33
CA HIS A 249 1.83 8.44 -5.12
C HIS A 249 2.00 9.74 -4.35
N ILE A 250 3.14 9.89 -3.66
CA ILE A 250 3.54 11.14 -3.00
C ILE A 250 4.32 12.04 -3.95
N GLU A 251 5.23 11.44 -4.67
CA GLU A 251 6.13 12.24 -5.55
C GLU A 251 5.39 12.74 -6.78
N ASN A 252 4.59 11.88 -7.39
CA ASN A 252 3.88 12.26 -8.64
C ASN A 252 2.40 11.87 -8.47
N PRO A 253 1.69 12.57 -7.59
CA PRO A 253 0.30 12.21 -7.36
C PRO A 253 -0.54 12.27 -8.63
N GLU A 254 -0.28 13.29 -9.46
CA GLU A 254 -1.08 13.48 -10.65
C GLU A 254 -0.91 12.35 -11.67
N GLU A 255 0.32 11.88 -11.91
CA GLU A 255 0.53 10.79 -12.86
C GLU A 255 -0.11 9.51 -12.35
N PHE A 256 -0.03 9.31 -11.03
CA PHE A 256 -0.67 8.13 -10.41
C PHE A 256 -2.19 8.17 -10.63
N ILE A 257 -2.82 9.30 -10.32
CA ILE A 257 -4.27 9.43 -10.51
C ILE A 257 -4.63 9.17 -11.98
N LEU A 258 -3.81 9.68 -12.90
CA LEU A 258 -4.11 9.46 -14.30
C LEU A 258 -4.05 7.99 -14.70
N LEU A 259 -3.13 7.21 -14.12
CA LEU A 259 -3.12 5.76 -14.36
C LEU A 259 -4.39 5.09 -13.80
N LEU A 260 -4.81 5.51 -12.59
CA LEU A 260 -6.03 4.91 -12.06
C LEU A 260 -7.22 5.19 -12.99
N ARG A 261 -7.31 6.44 -13.47
CA ARG A 261 -8.42 6.76 -14.37
C ARG A 261 -8.35 5.95 -15.66
N SER A 262 -7.16 5.93 -16.29
CA SER A 262 -6.97 5.18 -17.52
C SER A 262 -7.38 3.70 -17.37
N PHE A 263 -6.94 3.07 -16.28
CA PHE A 263 -7.11 1.63 -16.17
C PHE A 263 -8.47 1.25 -15.61
N LEU A 264 -9.04 2.15 -14.79
CA LEU A 264 -10.25 1.80 -14.05
C LEU A 264 -11.54 2.43 -14.59
N LEU A 265 -11.46 3.65 -15.17
CA LEU A 265 -12.66 4.33 -15.64
C LEU A 265 -12.96 3.96 -17.09
N SER A 266 -12.04 3.26 -17.75
CA SER A 266 -12.23 2.82 -19.13
C SER A 266 -13.32 1.74 -19.15
N GLU A 267 -14.14 1.74 -20.21
CA GLU A 267 -15.24 0.79 -20.32
C GLU A 267 -14.68 -0.64 -20.40
C ACT B . 6.29 -1.04 1.77
O ACT B . 6.32 0.12 1.28
OXT ACT B . 5.22 -1.60 2.22
CH3 ACT B . 7.52 -1.94 1.74
#